data_8BC6
#
_entry.id   8BC6
#
_cell.length_a   56.966
_cell.length_b   59.015
_cell.length_c   88.651
_cell.angle_alpha   90.00
_cell.angle_beta   90.00
_cell.angle_gamma   90.00
#
_symmetry.space_group_name_H-M   'P 21 21 21'
#
loop_
_entity.id
_entity.type
_entity.pdbx_description
1 polymer 'Cereblon isoform 4'
2 polymer GLN-MET-GLN-SNN
3 non-polymer 'ZINC ION'
4 non-polymer 'PHOSPHATE ION'
5 water water
#
loop_
_entity_poly.entity_id
_entity_poly.type
_entity_poly.pdbx_seq_one_letter_code
_entity_poly.pdbx_strand_id
1 'polypeptide(L)'
;MPLDAGGQNSTQMVLAPGASIFRCRQCGQTISRRDWLLPMGGDHEHVVFNPAGMIFRVWCFSLAQGLRLIGAPSGEFSWF
KGYDWTIALCGQCGSHLGWHYEGGSQPQTFFGLIKDRLAEGPAD
;
A,B,C
2 'polypeptide(L)' QMQ(SNN) D,E
#
# COMPACT_ATOMS: atom_id res chain seq x y z
N ALA A 16 18.58 -7.04 13.81
CA ALA A 16 17.17 -7.18 14.25
C ALA A 16 16.25 -6.41 13.31
N PRO A 17 16.26 -6.65 11.97
CA PRO A 17 15.43 -5.87 11.06
C PRO A 17 13.96 -6.10 11.41
N GLY A 18 13.11 -5.11 11.17
CA GLY A 18 11.65 -5.21 11.40
C GLY A 18 10.86 -5.25 10.10
N ALA A 19 11.48 -5.22 8.94
CA ALA A 19 10.76 -5.13 7.65
C ALA A 19 10.95 -6.39 6.79
N SER A 20 11.46 -7.49 7.32
CA SER A 20 12.13 -8.45 6.42
C SER A 20 11.10 -9.43 5.86
N ILE A 21 10.03 -9.83 6.57
CA ILE A 21 9.16 -10.89 6.03
C ILE A 21 7.69 -10.48 6.01
N PHE A 22 6.96 -11.08 5.08
CA PHE A 22 5.54 -10.81 4.87
C PHE A 22 4.77 -12.06 5.29
N ARG A 23 3.80 -11.84 6.19
CA ARG A 23 2.86 -12.87 6.65
C ARG A 23 1.45 -12.53 6.22
N CYS A 24 0.59 -13.53 6.09
CA CYS A 24 -0.84 -13.34 5.90
C CYS A 24 -1.35 -12.45 7.07
N ARG A 25 -1.98 -11.33 6.77
CA ARG A 25 -2.55 -10.40 7.78
C ARG A 25 -3.64 -11.08 8.60
N GLN A 26 -4.36 -12.07 8.05
CA GLN A 26 -5.52 -12.71 8.72
C GLN A 26 -5.08 -13.81 9.70
N CYS A 27 -3.97 -14.51 9.45
CA CYS A 27 -3.63 -15.71 10.28
C CYS A 27 -2.14 -15.77 10.63
N GLY A 28 -1.23 -15.03 9.97
CA GLY A 28 0.20 -15.07 10.26
C GLY A 28 1.00 -16.09 9.47
N GLN A 29 0.37 -16.82 8.56
CA GLN A 29 1.12 -17.73 7.68
C GLN A 29 2.29 -16.98 7.01
N THR A 30 3.48 -17.57 6.99
CA THR A 30 4.67 -17.03 6.29
C THR A 30 4.43 -17.04 4.79
N ILE A 31 4.57 -15.90 4.09
CA ILE A 31 4.23 -15.84 2.64
C ILE A 31 5.48 -15.42 1.81
N SER A 32 6.16 -14.34 2.15
CA SER A 32 7.30 -13.91 1.32
C SER A 32 8.29 -13.05 2.13
N ARG A 33 9.28 -12.47 1.43
CA ARG A 33 10.34 -11.68 2.08
C ARG A 33 10.51 -10.41 1.25
N ARG A 34 10.87 -9.31 1.90
CA ARG A 34 11.31 -8.06 1.24
C ARG A 34 12.39 -8.39 0.20
N ASP A 35 13.33 -9.27 0.51
CA ASP A 35 14.48 -9.60 -0.37
C ASP A 35 13.97 -10.12 -1.72
N TRP A 36 12.74 -10.64 -1.75
CA TRP A 36 12.17 -11.27 -2.96
C TRP A 36 11.27 -10.31 -3.75
N LEU A 37 11.24 -9.04 -3.40
CA LEU A 37 10.53 -8.04 -4.23
C LEU A 37 11.15 -7.98 -5.62
N LEU A 38 10.29 -7.89 -6.63
CA LEU A 38 10.65 -7.95 -8.07
C LEU A 38 10.11 -6.71 -8.77
N PRO A 39 10.99 -5.80 -9.26
CA PRO A 39 10.50 -4.65 -10.04
C PRO A 39 10.06 -4.94 -11.50
N MET A 40 8.86 -5.48 -11.70
CA MET A 40 8.21 -5.80 -13.00
C MET A 40 7.91 -4.48 -13.73
N GLY A 41 8.40 -4.33 -14.96
CA GLY A 41 8.36 -3.05 -15.69
C GLY A 41 8.94 -1.88 -14.90
N GLY A 42 9.95 -2.11 -14.05
CA GLY A 42 10.68 -1.03 -13.35
C GLY A 42 10.07 -0.64 -12.02
N ASP A 43 8.97 -1.26 -11.58
CA ASP A 43 8.39 -0.95 -10.24
C ASP A 43 7.84 -2.22 -9.59
N HIS A 44 8.15 -2.45 -8.31
CA HIS A 44 7.64 -3.65 -7.57
C HIS A 44 6.16 -3.41 -7.26
N GLU A 45 5.71 -2.15 -7.25
CA GLU A 45 4.28 -1.82 -6.99
C GLU A 45 3.53 -1.51 -8.30
N HIS A 46 2.35 -2.09 -8.45
CA HIS A 46 1.44 -1.90 -9.59
C HIS A 46 0.03 -1.66 -9.05
N VAL A 47 -0.57 -0.59 -9.50
CA VAL A 47 -1.95 -0.24 -9.07
C VAL A 47 -2.86 -0.58 -10.23
N VAL A 48 -3.80 -1.47 -9.99
CA VAL A 48 -4.59 -2.17 -11.04
C VAL A 48 -6.04 -2.27 -10.56
N PHE A 49 -6.98 -2.47 -11.46
CA PHE A 49 -8.34 -2.86 -11.05
C PHE A 49 -8.83 -4.04 -11.87
N ASN A 50 -9.71 -4.82 -11.26
CA ASN A 50 -10.30 -6.03 -11.90
C ASN A 50 -11.64 -5.67 -12.53
N PRO A 51 -12.29 -6.60 -13.28
CA PRO A 51 -13.53 -6.24 -13.97
C PRO A 51 -14.67 -5.82 -13.01
N ALA A 52 -14.64 -6.24 -11.76
CA ALA A 52 -15.60 -5.83 -10.70
C ALA A 52 -15.22 -4.45 -10.12
N GLY A 53 -14.22 -3.79 -10.70
CA GLY A 53 -13.78 -2.41 -10.39
C GLY A 53 -13.03 -2.31 -9.07
N MET A 54 -12.64 -3.42 -8.47
CA MET A 54 -11.81 -3.41 -7.24
C MET A 54 -10.43 -2.90 -7.59
N ILE A 55 -9.94 -1.94 -6.82
CA ILE A 55 -8.58 -1.41 -7.03
C ILE A 55 -7.63 -2.14 -6.07
N PHE A 56 -6.48 -2.57 -6.57
CA PHE A 56 -5.47 -3.32 -5.79
C PHE A 56 -4.10 -2.67 -5.97
N ARG A 57 -3.41 -2.54 -4.85
CA ARG A 57 -2.00 -2.14 -4.81
C ARG A 57 -1.25 -3.47 -4.71
N VAL A 58 -0.65 -3.88 -5.79
CA VAL A 58 -0.05 -5.22 -5.97
C VAL A 58 1.48 -5.06 -5.88
N TRP A 59 2.09 -5.88 -5.01
CA TRP A 59 3.56 -5.94 -4.91
C TRP A 59 3.97 -7.22 -5.62
N CYS A 60 4.97 -7.11 -6.50
CA CYS A 60 5.46 -8.28 -7.27
C CYS A 60 6.63 -8.93 -6.52
N PHE A 61 6.61 -10.25 -6.40
CA PHE A 61 7.65 -11.02 -5.69
C PHE A 61 8.11 -12.12 -6.64
N SER A 62 9.42 -12.37 -6.65
CA SER A 62 9.96 -13.50 -7.46
CA SER A 62 10.02 -13.50 -7.41
C SER A 62 9.54 -14.85 -6.87
N LEU A 63 9.27 -14.90 -5.59
CA LEU A 63 9.08 -16.13 -4.79
C LEU A 63 8.08 -15.84 -3.68
N ALA A 64 7.35 -16.88 -3.33
CA ALA A 64 6.41 -16.85 -2.18
C ALA A 64 6.24 -18.27 -1.74
N GLN A 65 5.72 -18.46 -0.55
CA GLN A 65 5.43 -19.77 0.03
C GLN A 65 4.13 -19.67 0.79
N GLY A 66 3.62 -20.81 1.26
CA GLY A 66 2.47 -20.87 2.16
C GLY A 66 1.17 -20.52 1.45
N LEU A 67 1.16 -20.48 0.14
CA LEU A 67 -0.07 -20.20 -0.66
C LEU A 67 -0.66 -21.49 -1.11
N ARG A 68 -1.85 -21.41 -1.67
CA ARG A 68 -2.51 -22.48 -2.40
C ARG A 68 -3.01 -21.85 -3.68
N LEU A 69 -2.53 -22.34 -4.81
CA LEU A 69 -2.88 -21.81 -6.13
C LEU A 69 -4.08 -22.58 -6.62
N ILE A 70 -5.18 -21.90 -7.00
CA ILE A 70 -6.44 -22.60 -7.32
C ILE A 70 -6.75 -22.40 -8.81
N GLY A 71 -7.27 -23.44 -9.44
CA GLY A 71 -7.76 -23.38 -10.83
C GLY A 71 -6.63 -23.53 -11.82
N ALA A 72 -6.94 -23.41 -13.11
CA ALA A 72 -5.98 -23.50 -14.22
C ALA A 72 -5.68 -22.09 -14.71
N PRO A 73 -4.46 -21.82 -15.20
CA PRO A 73 -4.08 -20.46 -15.55
C PRO A 73 -5.00 -19.88 -16.62
N SER A 74 -5.24 -18.59 -16.53
CA SER A 74 -6.04 -17.81 -17.49
C SER A 74 -5.25 -16.57 -17.91
N GLY A 75 -5.30 -16.20 -19.17
CA GLY A 75 -4.76 -14.94 -19.72
C GLY A 75 -5.79 -13.79 -19.72
N GLU A 76 -7.06 -14.09 -19.43
CA GLU A 76 -8.17 -13.09 -19.45
C GLU A 76 -7.88 -11.96 -18.46
N PHE A 77 -7.93 -10.70 -18.89
CA PHE A 77 -7.77 -9.48 -18.06
C PHE A 77 -6.41 -9.42 -17.36
N SER A 78 -5.40 -10.17 -17.80
CA SER A 78 -4.09 -10.15 -17.15
C SER A 78 -3.54 -8.74 -17.13
N TRP A 79 -3.08 -8.31 -15.95
CA TRP A 79 -2.44 -7.00 -15.77
C TRP A 79 -1.02 -7.00 -16.33
N PHE A 80 -0.44 -8.17 -16.60
CA PHE A 80 0.98 -8.26 -17.00
C PHE A 80 1.04 -9.00 -18.33
N LYS A 81 1.45 -8.29 -19.37
CA LYS A 81 1.36 -8.78 -20.75
C LYS A 81 2.19 -10.07 -20.84
N GLY A 82 1.62 -11.11 -21.44
CA GLY A 82 2.33 -12.38 -21.71
C GLY A 82 2.20 -13.37 -20.58
N TYR A 83 1.54 -13.00 -19.47
CA TYR A 83 1.38 -13.89 -18.31
C TYR A 83 -0.07 -14.32 -18.12
N ASP A 84 -0.20 -15.58 -17.72
CA ASP A 84 -1.47 -16.22 -17.33
C ASP A 84 -1.49 -16.25 -15.80
N TRP A 85 -2.65 -16.05 -15.20
CA TRP A 85 -2.73 -15.98 -13.72
C TRP A 85 -3.56 -17.11 -13.18
N THR A 86 -3.22 -17.53 -11.94
CA THR A 86 -4.04 -18.37 -11.04
C THR A 86 -4.24 -17.58 -9.75
N ILE A 87 -5.38 -17.81 -9.13
CA ILE A 87 -5.69 -17.20 -7.82
C ILE A 87 -4.77 -17.83 -6.76
N ALA A 88 -4.18 -16.98 -5.94
CA ALA A 88 -3.33 -17.39 -4.81
C ALA A 88 -4.10 -17.10 -3.52
N LEU A 89 -4.42 -18.15 -2.81
CA LEU A 89 -4.99 -18.05 -1.45
C LEU A 89 -3.93 -18.37 -0.41
N CYS A 90 -4.07 -17.78 0.76
CA CYS A 90 -3.36 -18.25 1.95
C CYS A 90 -3.64 -19.73 2.10
N GLY A 91 -2.56 -20.54 2.14
CA GLY A 91 -2.67 -22.00 2.27
C GLY A 91 -3.25 -22.38 3.63
N GLN A 92 -3.16 -21.51 4.62
CA GLN A 92 -3.63 -21.80 5.98
C GLN A 92 -5.12 -21.38 6.10
N CYS A 93 -5.41 -20.10 5.89
CA CYS A 93 -6.73 -19.54 6.22
C CYS A 93 -7.64 -19.36 5.01
N GLY A 94 -7.11 -19.42 3.79
CA GLY A 94 -7.91 -19.28 2.58
C GLY A 94 -8.11 -17.82 2.18
N SER A 95 -7.58 -16.84 2.89
CA SER A 95 -7.60 -15.41 2.46
C SER A 95 -7.07 -15.27 1.02
N HIS A 96 -7.77 -14.48 0.18
CA HIS A 96 -7.26 -14.18 -1.17
C HIS A 96 -6.10 -13.19 -1.06
N LEU A 97 -4.86 -13.64 -1.27
CA LEU A 97 -3.67 -12.81 -1.11
C LEU A 97 -3.18 -12.22 -2.44
N GLY A 98 -3.54 -12.81 -3.56
CA GLY A 98 -3.17 -12.29 -4.88
C GLY A 98 -3.24 -13.37 -5.96
N TRP A 99 -2.23 -13.41 -6.79
CA TRP A 99 -2.23 -14.24 -8.01
C TRP A 99 -0.81 -14.75 -8.23
N HIS A 100 -0.73 -15.92 -8.85
CA HIS A 100 0.52 -16.44 -9.40
C HIS A 100 0.46 -16.24 -10.90
N TYR A 101 1.55 -15.77 -11.47
CA TYR A 101 1.70 -15.44 -12.90
C TYR A 101 2.67 -16.44 -13.48
N GLU A 102 2.33 -16.95 -14.64
CA GLU A 102 3.23 -17.88 -15.36
C GLU A 102 3.02 -17.79 -16.85
N GLY A 103 3.87 -18.47 -17.61
CA GLY A 103 3.76 -18.57 -19.07
C GLY A 103 4.43 -17.42 -19.80
N GLY A 104 5.11 -16.51 -19.07
CA GLY A 104 5.74 -15.34 -19.71
C GLY A 104 7.23 -15.57 -19.93
N SER A 105 8.00 -14.48 -20.05
CA SER A 105 9.48 -14.48 -20.25
C SER A 105 10.16 -13.45 -19.34
N GLN A 106 11.19 -13.84 -18.57
CA GLN A 106 12.10 -12.89 -17.91
C GLN A 106 11.28 -11.99 -16.99
N PRO A 107 10.69 -12.53 -15.91
CA PRO A 107 10.79 -13.94 -15.58
C PRO A 107 9.63 -14.79 -16.12
N GLN A 108 9.76 -16.11 -16.07
CA GLN A 108 8.71 -17.02 -16.58
C GLN A 108 7.50 -16.91 -15.65
N THR A 109 7.76 -16.78 -14.34
CA THR A 109 6.74 -16.79 -13.28
C THR A 109 7.06 -15.75 -12.21
N PHE A 110 6.04 -15.30 -11.50
CA PHE A 110 6.18 -14.45 -10.31
C PHE A 110 4.82 -14.40 -9.60
N PHE A 111 4.83 -13.73 -8.44
CA PHE A 111 3.63 -13.56 -7.62
C PHE A 111 3.26 -12.08 -7.57
N GLY A 112 1.98 -11.79 -7.77
CA GLY A 112 1.46 -10.45 -7.54
C GLY A 112 0.56 -10.51 -6.31
N LEU A 113 1.04 -9.96 -5.18
CA LEU A 113 0.35 -10.10 -3.89
C LEU A 113 -0.24 -8.75 -3.50
N ILE A 114 -1.40 -8.79 -2.88
CA ILE A 114 -2.11 -7.55 -2.48
C ILE A 114 -1.48 -7.02 -1.18
N LYS A 115 -0.83 -5.87 -1.27
CA LYS A 115 0.02 -5.34 -0.19
C LYS A 115 -0.75 -5.30 1.14
N ASP A 116 -2.00 -4.80 1.16
CA ASP A 116 -2.70 -4.56 2.42
C ASP A 116 -3.26 -5.87 2.98
N ARG A 117 -3.06 -7.01 2.32
CA ARG A 117 -3.49 -8.31 2.86
C ARG A 117 -2.32 -9.04 3.53
N LEU A 118 -1.15 -8.43 3.53
CA LEU A 118 0.08 -8.98 4.15
C LEU A 118 0.44 -8.08 5.32
N ALA A 119 1.08 -8.66 6.32
CA ALA A 119 1.70 -7.92 7.43
C ALA A 119 3.21 -8.10 7.35
N GLU A 120 3.93 -7.01 7.38
CA GLU A 120 5.39 -7.00 7.27
C GLU A 120 6.00 -6.91 8.67
N GLY A 121 7.02 -7.72 8.93
CA GLY A 121 7.66 -7.66 10.24
C GLY A 121 8.98 -8.41 10.27
N PRO A 122 9.53 -8.56 11.48
CA PRO A 122 10.81 -9.25 11.67
C PRO A 122 10.68 -10.78 11.47
N ALA A 123 11.82 -11.47 11.23
CA ALA A 123 11.93 -12.95 11.12
C ALA A 123 12.12 -13.57 12.50
N ALA B 19 -9.87 20.64 7.68
CA ALA B 19 -9.28 20.39 9.04
C ALA B 19 -9.92 19.13 9.63
N SER B 20 -9.70 18.01 8.96
CA SER B 20 -9.98 16.70 9.56
C SER B 20 -8.90 16.44 10.61
N ILE B 21 -9.33 16.06 11.80
CA ILE B 21 -8.43 15.65 12.91
C ILE B 21 -8.73 14.21 13.34
N PHE B 22 -7.73 13.61 13.97
CA PHE B 22 -7.78 12.26 14.54
C PHE B 22 -7.73 12.38 16.06
N ARG B 23 -8.77 11.89 16.70
CA ARG B 23 -8.96 11.95 18.16
C ARG B 23 -8.69 10.56 18.69
N CYS B 24 -8.23 10.48 19.93
CA CYS B 24 -8.20 9.21 20.66
C CYS B 24 -9.64 8.66 20.68
N ARG B 25 -9.85 7.43 20.22
CA ARG B 25 -11.20 6.81 20.19
C ARG B 25 -11.73 6.62 21.62
N GLN B 26 -10.83 6.47 22.59
CA GLN B 26 -11.20 6.15 23.98
C GLN B 26 -11.61 7.39 24.78
N CYS B 27 -11.03 8.57 24.57
CA CYS B 27 -11.33 9.75 25.42
C CYS B 27 -11.58 11.02 24.61
N GLY B 28 -11.25 11.02 23.31
CA GLY B 28 -11.60 12.13 22.41
C GLY B 28 -10.49 13.16 22.32
N GLN B 29 -9.37 12.94 22.98
CA GLN B 29 -8.33 14.00 22.92
C GLN B 29 -7.88 14.13 21.47
N THR B 30 -7.65 15.33 20.96
CA THR B 30 -7.02 15.51 19.63
C THR B 30 -5.60 14.96 19.66
N ILE B 31 -5.27 14.10 18.70
CA ILE B 31 -3.93 13.46 18.62
C ILE B 31 -3.19 13.92 17.37
N SER B 32 -3.86 13.94 16.22
CA SER B 32 -3.13 14.29 14.99
C SER B 32 -4.10 14.83 13.95
N ARG B 33 -3.57 15.17 12.80
CA ARG B 33 -4.35 15.89 11.76
C ARG B 33 -4.15 15.15 10.46
N ARG B 34 -5.18 15.12 9.60
CA ARG B 34 -5.02 14.57 8.24
C ARG B 34 -3.91 15.31 7.48
N ASP B 35 -3.74 16.60 7.70
CA ASP B 35 -2.68 17.42 7.00
C ASP B 35 -1.28 16.84 7.31
N TRP B 36 -1.16 16.09 8.39
CA TRP B 36 0.14 15.54 8.88
C TRP B 36 0.35 14.12 8.42
N LEU B 37 -0.56 13.53 7.63
CA LEU B 37 -0.32 12.17 7.08
C LEU B 37 0.99 12.17 6.29
N LEU B 38 1.77 11.13 6.50
CA LEU B 38 3.17 11.02 6.00
C LEU B 38 3.30 9.72 5.20
N PRO B 39 3.57 9.80 3.90
CA PRO B 39 3.76 8.57 3.12
C PRO B 39 5.17 7.95 3.22
N MET B 40 5.48 7.24 4.32
CA MET B 40 6.77 6.53 4.56
C MET B 40 6.86 5.34 3.62
N GLY B 41 7.94 5.27 2.84
CA GLY B 41 8.10 4.28 1.76
C GLY B 41 6.98 4.35 0.73
N GLY B 42 6.40 5.52 0.48
CA GLY B 42 5.36 5.73 -0.55
C GLY B 42 3.94 5.40 -0.09
N ASP B 43 3.70 5.07 1.18
CA ASP B 43 2.30 4.83 1.67
C ASP B 43 2.16 5.31 3.10
N HIS B 44 1.10 6.01 3.46
CA HIS B 44 0.85 6.40 4.87
C HIS B 44 0.41 5.18 5.68
N GLU B 45 -0.14 4.15 5.02
CA GLU B 45 -0.62 2.90 5.71
C GLU B 45 0.43 1.79 5.61
N HIS B 46 0.71 1.15 6.74
CA HIS B 46 1.64 0.01 6.86
C HIS B 46 0.98 -1.06 7.72
N VAL B 47 0.76 -2.25 7.17
CA VAL B 47 0.34 -3.39 8.00
C VAL B 47 1.62 -4.14 8.41
N VAL B 48 1.79 -4.31 9.71
CA VAL B 48 3.08 -4.74 10.33
C VAL B 48 2.76 -5.73 11.45
N PHE B 49 3.73 -6.51 11.86
CA PHE B 49 3.60 -7.33 13.09
C PHE B 49 4.89 -7.19 13.91
N ASN B 50 4.76 -7.35 15.20
CA ASN B 50 5.88 -7.26 16.17
C ASN B 50 6.37 -8.65 16.47
N PRO B 51 7.50 -8.81 17.22
CA PRO B 51 8.03 -10.12 17.50
C PRO B 51 7.09 -11.03 18.32
N ALA B 52 6.15 -10.46 19.08
CA ALA B 52 5.12 -11.22 19.83
C ALA B 52 3.99 -11.66 18.86
N GLY B 53 4.05 -11.25 17.61
CA GLY B 53 3.10 -11.69 16.56
C GLY B 53 1.80 -10.89 16.60
N MET B 54 1.78 -9.77 17.29
CA MET B 54 0.62 -8.84 17.22
C MET B 54 0.67 -8.10 15.89
N ILE B 55 -0.48 -8.03 15.23
CA ILE B 55 -0.58 -7.36 13.89
C ILE B 55 -1.25 -6.02 14.08
N PHE B 56 -0.73 -4.99 13.46
CA PHE B 56 -1.28 -3.62 13.53
C PHE B 56 -1.39 -3.03 12.12
N ARG B 57 -2.44 -2.26 11.91
CA ARG B 57 -2.54 -1.38 10.74
C ARG B 57 -2.20 0.03 11.22
N VAL B 58 -1.03 0.49 10.81
CA VAL B 58 -0.37 1.75 11.25
C VAL B 58 -0.50 2.82 10.17
N TRP B 59 -0.90 4.02 10.55
CA TRP B 59 -0.87 5.21 9.69
C TRP B 59 0.24 6.12 10.21
N CYS B 60 1.07 6.60 9.33
CA CYS B 60 2.20 7.50 9.65
C CYS B 60 1.73 8.96 9.60
N PHE B 61 2.17 9.73 10.61
CA PHE B 61 1.89 11.15 10.77
C PHE B 61 3.21 11.85 11.11
N SER B 62 3.47 12.99 10.53
CA SER B 62 4.69 13.80 10.80
C SER B 62 4.80 14.22 12.28
N LEU B 63 3.70 14.63 12.85
CA LEU B 63 3.55 15.23 14.18
C LEU B 63 2.31 14.60 14.84
N ALA B 64 2.28 14.71 16.15
CA ALA B 64 1.10 14.40 16.98
C ALA B 64 1.20 15.20 18.26
N GLN B 65 0.13 15.19 19.02
CA GLN B 65 0.05 15.91 20.29
C GLN B 65 -0.81 15.07 21.23
N GLY B 66 -0.64 15.33 22.52
CA GLY B 66 -1.51 14.74 23.54
C GLY B 66 -1.14 13.29 23.85
N LEU B 67 -0.02 12.80 23.36
CA LEU B 67 0.48 11.45 23.70
C LEU B 67 1.48 11.53 24.87
N ARG B 68 1.88 10.37 25.35
CA ARG B 68 2.95 10.21 26.35
C ARG B 68 3.82 9.06 25.87
N LEU B 69 5.09 9.34 25.65
CA LEU B 69 6.03 8.34 25.16
C LEU B 69 6.65 7.67 26.38
N ILE B 70 6.70 6.33 26.35
CA ILE B 70 7.16 5.58 27.55
C ILE B 70 8.43 4.82 27.18
N GLY B 71 9.41 4.85 28.07
CA GLY B 71 10.65 4.07 27.98
C GLY B 71 11.69 4.72 27.09
N ALA B 72 12.85 4.07 26.94
CA ALA B 72 13.98 4.58 26.12
C ALA B 72 13.71 4.16 24.68
N PRO B 73 14.15 4.93 23.67
CA PRO B 73 14.02 4.49 22.29
C PRO B 73 14.77 3.19 22.05
N SER B 74 14.22 2.33 21.20
CA SER B 74 14.79 1.02 20.82
C SER B 74 14.94 0.97 19.30
N GLY B 75 16.05 0.40 18.82
CA GLY B 75 16.26 0.10 17.41
C GLY B 75 15.91 -1.35 17.09
N GLU B 76 15.55 -2.15 18.08
CA GLU B 76 15.20 -3.60 17.88
C GLU B 76 13.93 -3.70 17.01
N PHE B 77 14.00 -4.37 15.86
CA PHE B 77 12.82 -4.75 15.03
C PHE B 77 11.98 -3.55 14.63
N SER B 78 12.62 -2.41 14.42
CA SER B 78 11.95 -1.21 13.90
C SER B 78 11.31 -1.53 12.54
N TRP B 79 10.07 -1.13 12.36
CA TRP B 79 9.33 -1.24 11.08
C TRP B 79 9.85 -0.25 10.06
N PHE B 80 10.66 0.74 10.47
CA PHE B 80 11.11 1.82 9.57
C PHE B 80 12.62 1.89 9.72
N LYS B 81 13.32 1.47 8.67
CA LYS B 81 14.78 1.32 8.70
C LYS B 81 15.37 2.69 9.06
N GLY B 82 16.34 2.74 9.96
CA GLY B 82 17.07 3.97 10.31
C GLY B 82 16.44 4.69 11.50
N TYR B 83 15.34 4.17 12.04
CA TYR B 83 14.58 4.80 13.15
C TYR B 83 14.54 3.90 14.37
N ASP B 84 14.61 4.52 15.54
CA ASP B 84 14.32 3.91 16.86
C ASP B 84 12.88 4.28 17.21
N TRP B 85 12.21 3.41 17.94
CA TRP B 85 10.81 3.62 18.36
C TRP B 85 10.69 3.70 19.87
N THR B 86 9.63 4.41 20.28
CA THR B 86 9.15 4.49 21.68
CA THR B 86 9.15 4.49 21.66
C THR B 86 7.63 4.28 21.64
N ILE B 87 7.12 3.55 22.61
CA ILE B 87 5.66 3.33 22.73
C ILE B 87 4.97 4.67 23.02
N ALA B 88 3.87 4.93 22.31
CA ALA B 88 3.04 6.13 22.53
C ALA B 88 1.69 5.75 23.14
N LEU B 89 1.39 6.29 24.30
CA LEU B 89 0.05 6.18 24.93
C LEU B 89 -0.68 7.50 24.77
N CYS B 90 -2.00 7.45 24.76
CA CYS B 90 -2.80 8.69 24.97
C CYS B 90 -2.41 9.28 26.33
N GLY B 91 -2.00 10.55 26.37
CA GLY B 91 -1.58 11.20 27.61
C GLY B 91 -2.73 11.38 28.55
N GLN B 92 -3.94 11.46 28.02
CA GLN B 92 -5.16 11.75 28.80
C GLN B 92 -5.73 10.45 29.40
N CYS B 93 -5.86 9.37 28.63
CA CYS B 93 -6.56 8.13 29.09
C CYS B 93 -5.67 6.87 29.07
N GLY B 94 -4.46 6.91 28.50
CA GLY B 94 -3.52 5.77 28.60
C GLY B 94 -3.68 4.71 27.52
N SER B 95 -4.61 4.85 26.57
CA SER B 95 -4.76 3.89 25.44
C SER B 95 -3.45 3.79 24.66
N HIS B 96 -2.97 2.60 24.31
CA HIS B 96 -1.84 2.41 23.40
C HIS B 96 -2.22 2.86 21.98
N LEU B 97 -1.73 4.03 21.55
CA LEU B 97 -2.12 4.60 20.25
C LEU B 97 -1.10 4.31 19.17
N GLY B 98 0.17 4.05 19.52
CA GLY B 98 1.18 3.64 18.54
C GLY B 98 2.60 3.81 19.04
N TRP B 99 3.41 4.42 18.19
CA TRP B 99 4.87 4.59 18.41
C TRP B 99 5.34 5.92 17.89
N HIS B 100 6.35 6.46 18.53
CA HIS B 100 7.13 7.60 17.98
C HIS B 100 8.43 7.02 17.42
N TYR B 101 8.89 7.57 16.32
CA TYR B 101 10.12 7.19 15.61
C TYR B 101 11.06 8.38 15.62
N GLU B 102 12.36 8.09 15.79
CA GLU B 102 13.37 9.15 15.78
C GLU B 102 14.69 8.57 15.29
N GLY B 103 15.60 9.47 14.97
CA GLY B 103 17.02 9.11 14.74
C GLY B 103 17.26 8.99 13.26
N GLY B 104 16.21 9.16 12.45
CA GLY B 104 16.35 9.09 10.99
C GLY B 104 16.77 10.44 10.45
N SER B 105 16.51 10.64 9.16
CA SER B 105 16.73 11.88 8.38
C SER B 105 15.52 12.04 7.48
N GLN B 106 14.97 13.23 7.34
CA GLN B 106 13.96 13.51 6.28
C GLN B 106 12.85 12.47 6.33
N PRO B 107 11.97 12.46 7.35
CA PRO B 107 12.08 13.35 8.51
C PRO B 107 12.78 12.70 9.69
N GLN B 108 13.30 13.51 10.59
CA GLN B 108 14.07 12.94 11.73
C GLN B 108 13.12 12.26 12.71
N THR B 109 11.89 12.74 12.84
CA THR B 109 10.85 12.26 13.79
C THR B 109 9.54 12.04 13.05
N PHE B 110 8.77 11.06 13.43
CA PHE B 110 7.37 10.90 13.00
C PHE B 110 6.70 9.90 13.93
N PHE B 111 5.40 9.72 13.73
CA PHE B 111 4.56 8.79 14.49
C PHE B 111 3.97 7.72 13.58
N GLY B 112 3.92 6.51 14.12
CA GLY B 112 3.12 5.40 13.56
C GLY B 112 1.96 5.15 14.51
N LEU B 113 0.74 5.54 14.14
CA LEU B 113 -0.43 5.41 15.02
C LEU B 113 -1.36 4.32 14.51
N ILE B 114 -1.95 3.60 15.44
CA ILE B 114 -2.85 2.47 15.13
C ILE B 114 -4.19 3.04 14.67
N LYS B 115 -4.46 2.93 13.36
CA LYS B 115 -5.61 3.59 12.72
C LYS B 115 -6.89 3.27 13.51
N ASP B 116 -7.14 2.01 13.87
CA ASP B 116 -8.45 1.63 14.46
C ASP B 116 -8.56 2.09 15.92
N ARG B 117 -7.54 2.70 16.50
CA ARG B 117 -7.60 3.32 17.87
C ARG B 117 -7.83 4.83 17.83
N LEU B 118 -8.01 5.38 16.64
CA LEU B 118 -8.29 6.80 16.42
C LEU B 118 -9.68 6.94 15.84
N ALA B 119 -10.23 8.14 16.00
CA ALA B 119 -11.53 8.51 15.43
C ALA B 119 -11.29 9.76 14.59
N GLU B 120 -11.65 9.75 13.32
CA GLU B 120 -11.47 10.92 12.43
C GLU B 120 -12.75 11.72 12.43
N GLY B 121 -12.62 13.04 12.47
CA GLY B 121 -13.77 13.92 12.60
C GLY B 121 -13.35 15.35 12.32
N PRO B 122 -14.31 16.28 12.18
CA PRO B 122 -13.99 17.69 11.99
C PRO B 122 -13.40 18.27 13.28
N ALA B 123 -12.57 19.30 13.14
CA ALA B 123 -12.12 20.19 14.24
C ALA B 123 -13.28 21.07 14.68
N GLY C 18 -6.39 -6.50 -20.02
CA GLY C 18 -6.88 -6.01 -18.70
C GLY C 18 -6.24 -4.70 -18.28
N ALA C 19 -5.61 -3.97 -19.21
CA ALA C 19 -5.11 -2.59 -19.02
C ALA C 19 -5.64 -1.69 -20.16
N SER C 20 -6.96 -1.65 -20.36
CA SER C 20 -7.60 -0.88 -21.46
C SER C 20 -8.12 0.47 -20.90
N ILE C 21 -8.52 0.53 -19.62
CA ILE C 21 -9.11 1.76 -19.03
C ILE C 21 -8.17 2.26 -17.93
N PHE C 22 -7.91 3.56 -17.91
CA PHE C 22 -7.05 4.24 -16.91
C PHE C 22 -7.94 5.10 -16.01
N ARG C 23 -7.81 4.90 -14.70
CA ARG C 23 -8.66 5.60 -13.70
C ARG C 23 -7.82 6.20 -12.58
N CYS C 24 -8.34 7.25 -11.94
CA CYS C 24 -7.72 7.84 -10.74
C CYS C 24 -7.42 6.75 -9.71
N ARG C 25 -6.17 6.70 -9.23
CA ARG C 25 -5.73 5.65 -8.29
C ARG C 25 -6.40 5.91 -6.93
N GLN C 26 -6.55 7.19 -6.56
CA GLN C 26 -7.15 7.59 -5.25
C GLN C 26 -8.63 7.18 -5.17
N CYS C 27 -9.45 7.47 -6.19
CA CYS C 27 -10.93 7.36 -6.06
C CYS C 27 -11.55 6.55 -7.18
N GLY C 28 -10.82 6.31 -8.28
CA GLY C 28 -11.30 5.41 -9.36
C GLY C 28 -12.10 6.15 -10.44
N GLN C 29 -12.11 7.49 -10.44
CA GLN C 29 -12.68 8.30 -11.55
C GLN C 29 -12.11 7.80 -12.90
N THR C 30 -12.93 7.55 -13.88
CA THR C 30 -12.50 7.22 -15.27
C THR C 30 -11.79 8.44 -15.86
N ILE C 31 -10.59 8.25 -16.39
CA ILE C 31 -9.76 9.37 -16.93
C ILE C 31 -9.52 9.14 -18.43
N SER C 32 -9.05 7.97 -18.87
CA SER C 32 -8.76 7.77 -20.31
C SER C 32 -8.70 6.28 -20.66
N ARG C 33 -8.27 5.98 -21.89
CA ARG C 33 -8.45 4.66 -22.52
C ARG C 33 -7.22 4.35 -23.37
N ARG C 34 -6.86 3.08 -23.46
CA ARG C 34 -5.71 2.63 -24.27
C ARG C 34 -5.84 3.18 -25.70
N ASP C 35 -7.05 3.28 -26.27
CA ASP C 35 -7.26 3.75 -27.68
C ASP C 35 -6.69 5.16 -27.87
N TRP C 36 -6.66 5.97 -26.81
CA TRP C 36 -6.21 7.38 -26.85
C TRP C 36 -4.74 7.47 -26.44
N LEU C 37 -4.07 6.35 -26.15
CA LEU C 37 -2.67 6.37 -25.63
C LEU C 37 -1.74 6.66 -26.82
N LEU C 38 -0.83 7.63 -26.72
CA LEU C 38 0.15 8.00 -27.78
C LEU C 38 1.44 7.20 -27.58
N PRO C 39 1.72 6.15 -28.41
CA PRO C 39 3.01 5.45 -28.34
C PRO C 39 4.13 6.33 -28.93
N MET C 40 5.37 6.09 -28.50
CA MET C 40 6.60 6.63 -29.13
C MET C 40 7.50 5.44 -29.44
N GLY C 41 7.64 5.07 -30.72
CA GLY C 41 8.30 3.80 -31.12
C GLY C 41 7.67 2.65 -30.34
N GLY C 42 8.49 1.87 -29.61
CA GLY C 42 8.08 0.67 -28.86
C GLY C 42 7.63 0.97 -27.42
N ASP C 43 7.60 2.24 -26.98
CA ASP C 43 7.37 2.63 -25.55
C ASP C 43 5.88 2.84 -25.27
N TRP C 59 2.09 8.63 -18.93
CA TRP C 59 1.52 8.26 -20.26
C TRP C 59 0.99 9.52 -20.94
N CYS C 60 1.07 9.57 -22.27
CA CYS C 60 0.44 10.65 -23.09
C CYS C 60 -0.85 10.12 -23.72
N PHE C 61 -1.95 10.87 -23.58
CA PHE C 61 -3.28 10.57 -24.17
C PHE C 61 -3.74 11.76 -25.02
N SER C 62 -4.37 11.50 -26.17
CA SER C 62 -4.93 12.54 -27.08
C SER C 62 -6.24 13.10 -26.50
N LEU C 63 -6.98 12.28 -25.75
CA LEU C 63 -8.25 12.71 -25.12
C LEU C 63 -8.27 12.25 -23.68
N ALA C 64 -8.97 12.96 -22.83
CA ALA C 64 -9.25 12.48 -21.46
C ALA C 64 -10.58 13.07 -21.01
N GLN C 65 -11.09 12.52 -19.90
CA GLN C 65 -12.31 13.02 -19.24
C GLN C 65 -12.08 13.05 -17.73
N GLY C 66 -13.00 13.69 -17.01
CA GLY C 66 -13.07 13.56 -15.56
C GLY C 66 -11.98 14.36 -14.87
N LEU C 67 -11.25 15.21 -15.60
CA LEU C 67 -10.22 16.10 -15.01
C LEU C 67 -10.81 17.50 -14.76
N ARG C 68 -10.11 18.28 -13.94
CA ARG C 68 -10.32 19.73 -13.78
C ARG C 68 -8.96 20.34 -14.10
N LEU C 69 -8.90 21.20 -15.12
CA LEU C 69 -7.66 21.90 -15.54
C LEU C 69 -7.56 23.26 -14.82
N THR C 86 -0.95 23.22 -18.39
CA THR C 86 -1.93 23.51 -17.32
C THR C 86 -2.06 22.27 -16.42
N ILE C 87 -2.26 22.47 -15.12
CA ILE C 87 -2.38 21.39 -14.11
C ILE C 87 -3.71 20.66 -14.32
N ALA C 88 -3.67 19.32 -14.27
CA ALA C 88 -4.84 18.43 -14.41
C ALA C 88 -5.12 17.75 -13.06
N LEU C 89 -6.20 18.16 -12.40
CA LEU C 89 -6.68 17.45 -11.20
C LEU C 89 -7.76 16.44 -11.60
N CYS C 90 -7.84 15.38 -10.80
CA CYS C 90 -9.01 14.48 -10.79
C CYS C 90 -10.23 15.32 -10.42
N GLY C 91 -11.29 15.29 -11.24
CA GLY C 91 -12.49 16.12 -11.00
C GLY C 91 -13.30 15.56 -9.84
N GLN C 92 -13.03 14.30 -9.44
CA GLN C 92 -13.86 13.62 -8.38
C GLN C 92 -13.23 13.85 -7.00
N CYS C 93 -11.91 13.63 -6.86
CA CYS C 93 -11.25 13.69 -5.54
C CYS C 93 -10.15 14.76 -5.50
N GLY C 94 -9.82 15.40 -6.63
CA GLY C 94 -8.79 16.48 -6.61
C GLY C 94 -7.35 15.96 -6.61
N SER C 95 -7.09 14.65 -6.71
CA SER C 95 -5.70 14.08 -6.89
C SER C 95 -5.02 14.72 -8.13
N HIS C 96 -3.75 15.11 -8.00
CA HIS C 96 -2.91 15.67 -9.10
C HIS C 96 -2.54 14.49 -10.00
N LEU C 97 -3.19 14.33 -11.17
CA LEU C 97 -2.96 13.15 -12.05
C LEU C 97 -1.96 13.50 -13.16
N GLY C 98 -1.80 14.79 -13.49
CA GLY C 98 -0.77 15.24 -14.45
C GLY C 98 -1.08 16.61 -15.03
N TRP C 99 -0.95 16.77 -16.37
CA TRP C 99 -0.97 18.08 -17.05
C TRP C 99 -1.71 18.02 -18.40
N HIS C 100 -2.30 19.14 -18.81
CA HIS C 100 -2.83 19.41 -20.18
C HIS C 100 -1.87 20.35 -20.93
N TYR C 101 -1.44 19.91 -22.11
CA TYR C 101 -0.43 20.57 -22.97
C TYR C 101 -1.13 21.22 -24.17
N PHE C 110 -2.86 17.65 -25.96
CA PHE C 110 -2.79 16.28 -25.39
C PHE C 110 -2.62 16.34 -23.87
N PHE C 111 -2.80 15.20 -23.22
CA PHE C 111 -2.68 15.06 -21.75
C PHE C 111 -1.47 14.17 -21.44
N GLY C 112 -0.64 14.58 -20.45
CA GLY C 112 0.41 13.73 -19.84
C GLY C 112 0.10 13.42 -18.38
N LEU C 113 -0.11 12.14 -18.06
CA LEU C 113 -0.61 11.67 -16.74
C LEU C 113 0.37 10.69 -16.08
N ILE C 114 0.43 10.69 -14.74
CA ILE C 114 1.47 9.97 -13.94
C ILE C 114 1.07 8.52 -13.71
N LYS C 115 1.96 7.56 -14.02
CA LYS C 115 1.66 6.10 -13.97
C LYS C 115 1.33 5.66 -12.54
N ARG C 117 -0.11 7.31 -10.20
CA ARG C 117 -1.38 7.99 -9.79
C ARG C 117 -2.62 7.38 -10.48
N LEU C 118 -2.46 6.42 -11.41
CA LEU C 118 -3.57 5.73 -12.13
C LEU C 118 -3.61 4.24 -11.76
N ALA C 119 -4.80 3.65 -11.77
CA ALA C 119 -5.05 2.19 -11.89
C ALA C 119 -5.40 1.92 -13.35
N GLU C 120 -4.92 0.79 -13.85
CA GLU C 120 -5.30 0.27 -15.18
C GLU C 120 -6.14 -1.00 -14.97
N GLY C 121 -7.22 -1.13 -15.74
CA GLY C 121 -8.05 -2.35 -15.77
C GLY C 121 -8.89 -2.44 -17.04
N PRO C 122 -9.82 -3.42 -17.11
CA PRO C 122 -10.66 -3.62 -18.30
C PRO C 122 -11.97 -2.80 -18.28
N ALA C 123 -12.89 -3.10 -19.22
CA ALA C 123 -14.23 -2.47 -19.36
C ALA C 123 -15.32 -3.52 -19.17
N GLN D 1 -15.32 -11.68 -8.14
CA GLN D 1 -14.64 -11.24 -6.88
C GLN D 1 -13.12 -11.22 -7.10
N MET D 2 -12.52 -12.40 -7.35
CA MET D 2 -11.06 -12.65 -7.16
C MET D 2 -10.31 -12.63 -8.49
N GLN D 3 -10.97 -12.26 -9.60
CA GLN D 3 -10.33 -12.09 -10.94
C GLN D 3 -9.21 -11.05 -10.85
N GLN E 1 3.69 -7.13 24.20
CA GLN E 1 2.43 -6.89 23.46
C GLN E 1 2.58 -5.62 22.62
N MET E 2 3.19 -4.56 23.17
CA MET E 2 3.15 -3.17 22.61
C MET E 2 4.42 -2.81 21.85
N GLN E 3 5.40 -3.71 21.73
CA GLN E 3 6.66 -3.46 21.01
C GLN E 3 6.32 -3.15 19.54
#